data_4E6Z
#
_entry.id   4E6Z
#
_cell.length_a   66.250
_cell.length_b   66.250
_cell.length_c   129.370
_cell.angle_alpha   90.00
_cell.angle_beta   90.00
_cell.angle_gamma   90.00
#
_symmetry.space_group_name_H-M   'P 41 21 2'
#
loop_
_entity.id
_entity.type
_entity.pdbx_description
1 polymer 'Apicoplast TIC22, putative'
2 non-polymer GLYCEROL
3 water water
#
_entity_poly.entity_id   1
_entity_poly.type   'polypeptide(L)'
_entity_poly.pdbx_seq_one_letter_code
;(MSE)CLLLFICLYFARGIYCLKTLNGLSRDINNSIYLRNNVHKKKRLVDCNLC(MSE)LKHKFRLSFWKKRYDERPIEE
KLEVIPVFLITNYNSSPYIFQENEKQVCY(MSE)FLCPYDAEN(MSE)LND(MSE)IKYNG(MSE)KYNGNIKIHNIT
(MSE)KKAYEL(MSE)KEFLQLEK(MSE)EVNKEDSKKKQNIYWKLISSKRQLQNALYYLSFTKKSEL(MSE)YPVFYAE
NLYIQKDGSNIIPLFFDLEDLKEAIEEQKNKALSKVDYKIKVLN(MSE)VDLIFTEDHKKFGFVPSTQSVKYLDKLNIGT
KKTYF
;
_entity_poly.pdbx_strand_id   A
#
# COMPACT_ATOMS: atom_id res chain seq x y z
N ARG A 68 -17.00 7.96 8.07
CA ARG A 68 -15.82 7.22 8.51
C ARG A 68 -14.55 8.06 8.42
N PRO A 69 -13.81 8.16 9.54
CA PRO A 69 -12.55 8.90 9.58
C PRO A 69 -11.51 8.25 8.68
N ILE A 70 -10.48 9.00 8.29
CA ILE A 70 -9.45 8.45 7.41
C ILE A 70 -8.68 7.32 8.08
N GLU A 71 -8.49 7.42 9.39
CA GLU A 71 -7.83 6.35 10.14
C GLU A 71 -8.55 5.03 9.94
N GLU A 72 -9.84 5.11 9.65
CA GLU A 72 -10.65 3.93 9.41
C GLU A 72 -10.58 3.50 7.95
N LYS A 73 -10.38 4.47 7.06
CA LYS A 73 -10.26 4.18 5.63
C LYS A 73 -8.94 3.47 5.33
N LEU A 74 -7.92 3.75 6.13
CA LEU A 74 -6.60 3.15 5.96
C LEU A 74 -6.55 1.76 6.56
N GLU A 75 -7.57 1.43 7.34
CA GLU A 75 -7.59 0.17 8.10
C GLU A 75 -7.68 -1.05 7.19
N VAL A 76 -8.35 -0.88 6.04
CA VAL A 76 -8.55 -1.99 5.11
C VAL A 76 -7.32 -2.24 4.23
N ILE A 77 -6.31 -1.39 4.35
CA ILE A 77 -5.09 -1.57 3.58
C ILE A 77 -4.05 -2.35 4.41
N PRO A 78 -3.73 -3.57 3.97
CA PRO A 78 -2.73 -4.43 4.63
C PRO A 78 -1.33 -3.86 4.47
N VAL A 79 -0.50 -4.03 5.51
CA VAL A 79 0.91 -3.70 5.45
C VAL A 79 1.70 -4.88 6.02
N PHE A 80 2.86 -5.15 5.44
CA PHE A 80 3.61 -6.35 5.80
C PHE A 80 5.00 -6.07 6.34
N LEU A 81 5.36 -6.80 7.39
CA LEU A 81 6.68 -6.69 7.98
C LEU A 81 7.31 -8.07 8.11
N ILE A 82 8.63 -8.10 8.22
CA ILE A 82 9.33 -9.34 8.50
C ILE A 82 9.66 -9.35 9.99
N THR A 83 9.33 -10.44 10.68
CA THR A 83 9.51 -10.50 12.12
C THR A 83 10.07 -11.82 12.56
N ASN A 84 10.50 -11.89 13.82
CA ASN A 84 10.77 -13.18 14.45
C ASN A 84 9.43 -13.80 14.84
N TYR A 85 9.47 -14.94 15.52
CA TYR A 85 8.25 -15.68 15.85
C TYR A 85 7.41 -15.00 16.93
N ASN A 86 8.02 -14.08 17.67
CA ASN A 86 7.28 -13.26 18.63
C ASN A 86 6.59 -12.09 17.95
N SER A 87 6.79 -11.98 16.63
CA SER A 87 6.20 -10.93 15.83
C SER A 87 6.89 -9.58 16.02
N SER A 88 8.14 -9.60 16.48
CA SER A 88 8.92 -8.39 16.58
C SER A 88 9.75 -8.17 15.32
N PRO A 89 9.74 -6.93 14.81
CA PRO A 89 10.44 -6.55 13.57
C PRO A 89 11.95 -6.55 13.73
N TYR A 90 12.65 -6.80 12.64
CA TYR A 90 14.09 -6.67 12.62
C TYR A 90 14.51 -5.24 12.31
N ILE A 91 15.35 -4.67 13.16
CA ILE A 91 15.80 -3.30 13.00
C ILE A 91 17.12 -3.27 12.24
N PHE A 92 17.24 -2.33 11.31
CA PHE A 92 18.49 -2.16 10.57
C PHE A 92 19.03 -0.76 10.76
N GLN A 93 20.35 -0.65 10.81
CA GLN A 93 20.99 0.64 10.98
C GLN A 93 21.11 1.33 9.63
N GLU A 94 20.32 2.39 9.44
CA GLU A 94 20.47 3.24 8.26
C GLU A 94 21.11 4.56 8.67
N ASN A 95 22.44 4.57 8.60
CA ASN A 95 23.27 5.70 9.04
C ASN A 95 22.55 7.02 9.22
N GLU A 96 22.29 7.36 10.49
CA GLU A 96 22.59 6.46 11.60
C GLU A 96 21.38 6.32 12.52
N LYS A 97 20.25 6.00 11.92
CA LYS A 97 19.01 5.81 12.65
C LYS A 97 18.63 4.34 12.67
N GLN A 98 17.69 3.98 13.53
CA GLN A 98 17.16 2.62 13.57
C GLN A 98 15.96 2.53 12.65
N VAL A 99 16.08 1.73 11.60
CA VAL A 99 15.03 1.64 10.58
C VAL A 99 14.33 0.29 10.52
N CYS A 100 13.00 0.33 10.47
CA CYS A 100 12.21 -0.86 10.20
C CYS A 100 11.45 -0.69 8.88
N TYR A 101 11.27 -1.78 8.16
CA TYR A 101 10.66 -1.75 6.83
C TYR A 101 9.22 -2.26 6.84
N PHE A 103 6.07 -3.03 4.14
CA PHE A 103 5.79 -3.20 2.72
C PHE A 103 4.29 -3.19 2.43
N LEU A 104 3.91 -2.47 1.38
CA LEU A 104 2.52 -2.47 0.94
C LEU A 104 2.22 -3.71 0.11
N CYS A 105 3.27 -4.32 -0.43
CA CYS A 105 3.15 -5.55 -1.21
C CYS A 105 3.85 -6.69 -0.51
N PRO A 106 3.12 -7.78 -0.24
CA PRO A 106 3.63 -8.91 0.54
C PRO A 106 4.77 -9.62 -0.15
N TYR A 107 4.83 -9.53 -1.48
CA TYR A 107 5.87 -10.21 -2.23
C TYR A 107 7.18 -9.44 -2.17
N ASP A 108 7.11 -8.14 -1.96
CA ASP A 108 8.30 -7.35 -1.70
C ASP A 108 8.88 -7.75 -0.34
N ALA A 109 8.01 -8.00 0.64
CA ALA A 109 8.43 -8.46 1.96
C ALA A 109 9.05 -9.85 1.88
N GLU A 110 8.38 -10.76 1.17
CA GLU A 110 8.90 -12.10 0.94
C GLU A 110 10.30 -12.03 0.32
N ASN A 111 10.50 -11.07 -0.57
CA ASN A 111 11.79 -10.90 -1.22
C ASN A 111 12.88 -10.53 -0.22
N LEU A 113 12.78 -11.07 3.10
CA LEU A 113 12.95 -12.25 3.92
C LEU A 113 13.87 -13.25 3.22
N ASN A 114 13.63 -13.48 1.93
CA ASN A 114 14.46 -14.38 1.15
C ASN A 114 15.92 -13.93 1.10
N ASP A 115 16.15 -12.62 1.02
CA ASP A 115 17.50 -12.07 1.02
C ASP A 115 18.19 -12.28 2.36
N ILE A 117 17.53 -14.79 4.58
CA ILE A 117 17.90 -16.19 4.59
C ILE A 117 19.13 -16.45 3.74
N LYS A 118 19.17 -15.80 2.57
CA LYS A 118 20.23 -16.04 1.60
C LYS A 118 21.60 -15.55 2.08
N TYR A 119 21.64 -14.37 2.69
CA TYR A 119 22.90 -13.75 3.06
C TYR A 119 23.30 -14.00 4.51
N ASN A 120 22.37 -14.52 5.30
CA ASN A 120 22.63 -14.86 6.70
C ASN A 120 21.64 -15.92 7.18
N GLY A 121 21.77 -17.13 6.63
CA GLY A 121 20.89 -18.22 6.95
C GLY A 121 21.06 -18.73 8.36
N LYS A 123 21.64 -16.98 11.02
CA LYS A 123 20.92 -16.11 11.95
C LYS A 123 19.41 -16.14 11.76
N TYR A 124 18.95 -16.37 10.53
CA TYR A 124 17.55 -16.13 10.19
C TYR A 124 16.72 -17.36 9.86
N ASN A 125 17.36 -18.49 9.56
CA ASN A 125 16.59 -19.68 9.21
C ASN A 125 15.74 -20.20 10.36
N GLY A 126 14.47 -20.48 10.06
CA GLY A 126 13.53 -20.97 11.06
C GLY A 126 13.11 -19.92 12.07
N ASN A 127 13.63 -18.71 11.92
CA ASN A 127 13.38 -17.63 12.89
C ASN A 127 12.65 -16.43 12.31
N ILE A 128 12.21 -16.51 11.05
CA ILE A 128 11.53 -15.36 10.45
C ILE A 128 10.25 -15.67 9.70
N LYS A 129 9.33 -14.71 9.72
CA LYS A 129 8.03 -14.87 9.07
C LYS A 129 7.54 -13.52 8.60
N ILE A 130 6.47 -13.54 7.81
CA ILE A 130 5.82 -12.31 7.38
C ILE A 130 4.68 -12.03 8.36
N HIS A 131 4.60 -10.79 8.83
CA HIS A 131 3.54 -10.40 9.74
C HIS A 131 2.75 -9.22 9.17
N ASN A 132 1.44 -9.24 9.36
CA ASN A 132 0.60 -8.20 8.79
C ASN A 132 0.05 -7.21 9.80
N ILE A 133 0.13 -5.93 9.46
CA ILE A 133 -0.58 -4.88 10.16
C ILE A 133 -1.44 -4.14 9.13
N THR A 134 -1.93 -2.95 9.48
CA THR A 134 -2.69 -2.15 8.53
C THR A 134 -2.05 -0.79 8.30
N LYS A 136 -3.49 1.92 8.75
CA LYS A 136 -3.88 2.69 9.92
C LYS A 136 -2.77 2.63 10.98
N LYS A 137 -2.44 1.42 11.40
CA LYS A 137 -1.36 1.22 12.35
C LYS A 137 -0.05 1.80 11.83
N ALA A 138 0.20 1.62 10.54
CA ALA A 138 1.42 2.12 9.92
C ALA A 138 1.48 3.64 9.96
N TYR A 139 0.33 4.27 9.77
CA TYR A 139 0.23 5.72 9.83
C TYR A 139 0.46 6.20 11.26
N GLU A 140 -0.14 5.49 12.22
CA GLU A 140 0.07 5.78 13.63
C GLU A 140 1.55 5.71 13.99
N LEU A 141 2.27 4.81 13.32
CA LEU A 141 3.69 4.63 13.59
C LEU A 141 4.52 5.78 13.01
N LYS A 143 3.62 8.64 12.19
CA LYS A 143 3.21 9.89 12.82
C LYS A 143 3.75 10.01 14.24
N GLU A 144 3.56 8.95 15.03
CA GLU A 144 4.05 8.90 16.40
C GLU A 144 5.57 9.11 16.45
N PHE A 145 6.24 8.86 15.33
CA PHE A 145 7.69 9.03 15.25
C PHE A 145 8.09 10.50 15.28
N LEU A 146 7.41 11.31 14.48
CA LEU A 146 7.69 12.73 14.40
C LEU A 146 7.54 13.42 15.75
N GLN A 147 6.64 12.90 16.59
CA GLN A 147 6.36 13.48 17.89
C GLN A 147 7.49 13.20 18.88
N LEU A 148 7.73 11.92 19.15
CA LEU A 148 8.79 11.52 20.07
C LEU A 148 10.12 12.12 19.63
N GLU A 149 10.20 12.47 18.36
CA GLU A 149 11.40 13.07 17.79
C GLU A 149 11.73 14.38 18.52
N LYS A 150 10.73 15.22 18.73
CA LYS A 150 10.90 16.42 19.54
C LYS A 150 11.27 16.04 20.97
N GLN A 162 18.02 5.85 18.94
CA GLN A 162 17.01 5.96 19.98
C GLN A 162 15.64 5.51 19.47
N ASN A 163 15.04 6.32 18.60
CA ASN A 163 13.73 6.02 18.04
C ASN A 163 13.79 5.34 16.69
N ILE A 164 12.85 4.44 16.45
CA ILE A 164 12.81 3.67 15.20
C ILE A 164 12.13 4.45 14.08
N TYR A 165 12.79 4.52 12.93
CA TYR A 165 12.19 5.11 11.75
C TYR A 165 11.46 4.05 10.94
N TRP A 166 10.13 4.12 10.96
CA TRP A 166 9.30 3.17 10.21
C TRP A 166 9.17 3.60 8.76
N LYS A 167 9.82 2.86 7.87
CA LYS A 167 9.87 3.20 6.45
C LYS A 167 8.85 2.41 5.63
N LEU A 168 7.91 3.11 5.02
CA LEU A 168 6.88 2.48 4.20
C LEU A 168 7.40 2.28 2.78
N ILE A 169 7.27 1.05 2.27
CA ILE A 169 7.71 0.72 0.92
C ILE A 169 6.54 0.40 -0.01
N SER A 170 6.28 1.28 -0.98
CA SER A 170 5.24 1.01 -1.97
C SER A 170 5.57 -0.23 -2.78
N SER A 171 4.54 -0.85 -3.36
CA SER A 171 4.73 -1.99 -4.23
C SER A 171 5.75 -1.68 -5.31
N LYS A 172 6.79 -2.50 -5.40
CA LYS A 172 7.85 -2.28 -6.38
C LYS A 172 7.25 -2.27 -7.80
N ARG A 173 6.31 -3.17 -8.05
CA ARG A 173 5.70 -3.31 -9.36
C ARG A 173 4.77 -2.14 -9.71
N GLN A 174 4.11 -1.57 -8.71
CA GLN A 174 3.22 -0.44 -8.94
C GLN A 174 3.99 0.86 -9.14
N LEU A 175 5.13 1.00 -8.47
CA LEU A 175 5.99 2.16 -8.67
C LEU A 175 6.46 2.20 -10.12
N GLN A 176 6.75 1.04 -10.67
CA GLN A 176 7.11 0.93 -12.07
C GLN A 176 5.92 1.28 -12.96
N ASN A 177 4.76 0.70 -12.65
CA ASN A 177 3.55 0.98 -13.42
C ASN A 177 3.22 2.46 -13.45
N ALA A 178 3.51 3.16 -12.36
CA ALA A 178 3.16 4.57 -12.23
C ALA A 178 4.04 5.50 -13.05
N LEU A 179 5.29 5.09 -13.29
CA LEU A 179 6.23 5.90 -14.04
C LEU A 179 5.69 6.28 -15.41
N TYR A 180 5.00 5.33 -16.03
CA TYR A 180 4.40 5.54 -17.34
C TYR A 180 3.54 6.81 -17.36
N TYR A 181 2.79 7.01 -16.28
CA TYR A 181 1.82 8.10 -16.22
C TYR A 181 2.38 9.42 -15.71
N LEU A 182 3.66 9.43 -15.36
CA LEU A 182 4.33 10.65 -14.94
C LEU A 182 5.21 11.21 -16.05
N SER A 183 5.29 12.53 -16.14
CA SER A 183 6.21 13.17 -17.08
C SER A 183 7.61 13.12 -16.51
N PHE A 184 8.61 13.45 -17.33
CA PHE A 184 10.00 13.33 -16.91
C PHE A 184 10.27 13.96 -15.55
N THR A 185 9.81 15.19 -15.36
CA THR A 185 10.09 15.93 -14.14
C THR A 185 8.98 15.73 -13.09
N LYS A 186 7.87 15.13 -13.50
CA LYS A 186 6.77 14.88 -12.59
C LYS A 186 7.00 13.57 -11.83
N LYS A 187 7.79 12.68 -12.43
CA LYS A 187 8.07 11.38 -11.83
C LYS A 187 9.22 11.45 -10.82
N SER A 188 9.80 12.63 -10.68
CA SER A 188 10.87 12.84 -9.71
C SER A 188 10.35 12.64 -8.29
N GLU A 189 9.17 13.19 -8.02
CA GLU A 189 8.60 13.14 -6.68
C GLU A 189 7.68 11.94 -6.46
N LEU A 190 7.65 11.02 -7.42
CA LEU A 190 6.84 9.82 -7.28
C LEU A 190 7.11 9.15 -5.94
N TYR A 192 4.19 7.53 -3.08
CA TYR A 192 3.32 6.42 -2.75
C TYR A 192 2.14 6.37 -3.69
N PRO A 193 2.34 5.78 -4.87
CA PRO A 193 1.36 5.80 -5.96
C PRO A 193 0.03 5.10 -5.63
N VAL A 194 -1.06 5.73 -6.03
CA VAL A 194 -2.35 5.08 -6.15
C VAL A 194 -2.94 5.52 -7.49
N PHE A 195 -3.75 4.66 -8.09
CA PHE A 195 -4.26 4.90 -9.43
C PHE A 195 -5.77 5.15 -9.43
N TYR A 196 -6.23 6.02 -10.33
CA TYR A 196 -7.67 6.22 -10.51
C TYR A 196 -8.02 6.60 -11.94
N ALA A 197 -9.30 6.44 -12.28
CA ALA A 197 -9.78 6.77 -13.62
C ALA A 197 -10.81 7.90 -13.56
N GLU A 198 -10.75 8.78 -14.55
CA GLU A 198 -11.60 9.97 -14.61
C GLU A 198 -13.09 9.71 -14.44
N ASN A 199 -13.62 8.81 -15.24
CA ASN A 199 -15.07 8.63 -15.30
C ASN A 199 -15.56 7.38 -14.59
N LEU A 200 -14.81 6.95 -13.57
CA LEU A 200 -15.12 5.73 -12.84
C LEU A 200 -15.55 6.03 -11.41
N TYR A 201 -16.64 5.40 -10.98
CA TYR A 201 -17.17 5.62 -9.64
C TYR A 201 -17.52 4.30 -8.96
N ILE A 202 -17.74 4.37 -7.65
CA ILE A 202 -18.31 3.26 -6.89
C ILE A 202 -19.24 3.83 -5.82
N GLN A 203 -20.24 3.04 -5.42
CA GLN A 203 -21.18 3.51 -4.42
C GLN A 203 -20.78 3.10 -3.00
N LYS A 204 -20.37 4.07 -2.21
CA LYS A 204 -20.12 3.87 -0.78
C LYS A 204 -21.41 4.13 -0.02
N ASP A 205 -21.33 4.21 1.30
CA ASP A 205 -22.52 4.39 2.12
C ASP A 205 -22.74 5.84 2.51
N GLY A 206 -23.73 6.48 1.91
CA GLY A 206 -24.57 5.83 0.91
C GLY A 206 -24.48 6.54 -0.43
N SER A 207 -23.51 7.44 -0.54
CA SER A 207 -23.27 8.18 -1.78
C SER A 207 -22.20 7.49 -2.61
N ASN A 208 -21.89 8.06 -3.77
CA ASN A 208 -20.90 7.48 -4.66
C ASN A 208 -19.56 8.23 -4.62
N ILE A 209 -18.47 7.47 -4.69
CA ILE A 209 -17.13 8.04 -4.61
C ILE A 209 -16.22 7.55 -5.73
N ILE A 210 -15.02 8.09 -5.80
CA ILE A 210 -14.03 7.65 -6.78
C ILE A 210 -13.11 6.59 -6.18
N PRO A 211 -13.02 5.44 -6.85
CA PRO A 211 -12.17 4.33 -6.39
C PRO A 211 -10.69 4.67 -6.57
N LEU A 212 -9.90 4.43 -5.54
CA LEU A 212 -8.47 4.74 -5.56
C LEU A 212 -7.71 3.43 -5.40
N PHE A 213 -7.09 2.97 -6.48
CA PHE A 213 -6.50 1.63 -6.50
C PHE A 213 -5.01 1.63 -6.22
N PHE A 214 -4.58 0.72 -5.35
CA PHE A 214 -3.16 0.52 -5.11
C PHE A 214 -2.54 -0.25 -6.27
N ASP A 215 -3.28 -1.21 -6.82
CA ASP A 215 -2.83 -1.96 -7.98
C ASP A 215 -3.45 -1.45 -9.27
N LEU A 216 -2.59 -1.05 -10.21
CA LEU A 216 -3.02 -0.61 -11.52
C LEU A 216 -3.93 -1.66 -12.16
N GLU A 217 -3.52 -2.93 -12.06
CA GLU A 217 -4.27 -4.03 -12.68
C GLU A 217 -5.69 -4.16 -12.12
N ASP A 218 -5.89 -3.76 -10.88
CA ASP A 218 -7.23 -3.72 -10.30
C ASP A 218 -8.07 -2.62 -10.94
N LEU A 219 -7.44 -1.47 -11.17
CA LEU A 219 -8.10 -0.34 -11.82
C LEU A 219 -8.52 -0.72 -13.24
N LYS A 220 -7.57 -1.21 -14.03
CA LYS A 220 -7.85 -1.62 -15.40
C LYS A 220 -8.94 -2.69 -15.44
N GLU A 221 -9.01 -3.48 -14.39
CA GLU A 221 -10.01 -4.54 -14.30
C GLU A 221 -11.38 -3.94 -14.06
N ALA A 222 -11.43 -2.89 -13.24
CA ALA A 222 -12.69 -2.23 -12.93
C ALA A 222 -13.19 -1.40 -14.11
N ILE A 223 -12.26 -0.92 -14.93
CA ILE A 223 -12.59 -0.18 -16.12
C ILE A 223 -13.22 -1.09 -17.17
N GLU A 224 -12.63 -2.26 -17.36
CA GLU A 224 -13.15 -3.24 -18.32
C GLU A 224 -14.54 -3.71 -17.95
N GLU A 225 -14.80 -3.85 -16.65
CA GLU A 225 -16.13 -4.22 -16.18
C GLU A 225 -17.13 -3.13 -16.56
N GLN A 226 -16.66 -1.88 -16.56
CA GLN A 226 -17.52 -0.75 -16.86
C GLN A 226 -17.76 -0.62 -18.36
N LYS A 227 -16.70 -0.77 -19.14
CA LYS A 227 -16.81 -0.67 -20.59
C LYS A 227 -17.65 -1.80 -21.19
N ASN A 228 -17.51 -2.99 -20.63
CA ASN A 228 -18.25 -4.14 -21.13
C ASN A 228 -19.77 -4.02 -20.96
N LYS A 229 -20.19 -3.01 -20.20
CA LYS A 229 -21.60 -2.80 -19.91
C LYS A 229 -22.05 -1.37 -20.16
N ALA A 230 -21.15 -0.56 -20.71
CA ALA A 230 -21.45 0.84 -21.00
C ALA A 230 -22.48 0.96 -22.13
N LEU A 231 -23.18 2.08 -22.17
CA LEU A 231 -24.12 2.35 -23.26
C LEU A 231 -23.50 3.35 -24.24
N SER A 232 -22.42 3.99 -23.80
CA SER A 232 -21.70 4.95 -24.63
C SER A 232 -20.22 4.63 -24.61
N LYS A 233 -19.46 5.27 -25.49
CA LYS A 233 -18.02 5.11 -25.52
C LYS A 233 -17.40 6.18 -24.62
N VAL A 234 -16.70 5.75 -23.58
CA VAL A 234 -16.14 6.66 -22.60
C VAL A 234 -14.63 6.50 -22.47
N ASP A 235 -13.92 7.62 -22.33
CA ASP A 235 -12.50 7.59 -22.09
C ASP A 235 -12.19 7.49 -20.60
N TYR A 236 -11.33 6.56 -20.25
CA TYR A 236 -10.89 6.42 -18.86
C TYR A 236 -9.43 6.83 -18.70
N LYS A 237 -9.21 8.13 -18.67
CA LYS A 237 -7.88 8.68 -18.45
C LYS A 237 -7.35 8.21 -17.10
N ILE A 238 -6.32 7.37 -17.13
CA ILE A 238 -5.71 6.86 -15.92
C ILE A 238 -4.73 7.89 -15.35
N LYS A 239 -4.90 8.22 -14.07
CA LYS A 239 -4.03 9.19 -13.43
C LYS A 239 -3.43 8.65 -12.13
N VAL A 240 -2.27 9.19 -11.77
CA VAL A 240 -1.57 8.74 -10.57
C VAL A 240 -1.61 9.82 -9.49
N LEU A 241 -1.82 9.40 -8.26
CA LEU A 241 -1.82 10.32 -7.13
C LEU A 241 -0.87 9.85 -6.04
N ASN A 242 -0.49 10.77 -5.17
CA ASN A 242 0.37 10.45 -4.04
C ASN A 242 -0.47 10.16 -2.80
N VAL A 244 -0.02 9.85 0.18
CA VAL A 244 0.25 10.74 1.30
C VAL A 244 -0.54 12.04 1.22
N ASP A 245 -0.51 12.68 0.05
CA ASP A 245 -1.22 13.93 -0.16
C ASP A 245 -2.72 13.77 0.07
N LEU A 246 -3.21 12.55 -0.13
CA LEU A 246 -4.63 12.27 0.01
C LEU A 246 -5.07 12.19 1.46
N ILE A 247 -4.13 11.82 2.34
CA ILE A 247 -4.42 11.77 3.76
C ILE A 247 -4.80 13.16 4.28
N PHE A 248 -4.18 14.19 3.71
CA PHE A 248 -4.30 15.54 4.24
C PHE A 248 -5.08 16.48 3.33
N THR A 249 -5.79 15.94 2.35
CA THR A 249 -6.63 16.77 1.50
C THR A 249 -7.66 17.47 2.39
N GLU A 250 -8.04 18.67 2.02
CA GLU A 250 -9.02 19.42 2.79
C GLU A 250 -10.37 18.73 2.73
N ASP A 251 -10.47 17.71 1.88
CA ASP A 251 -11.70 16.94 1.70
C ASP A 251 -11.46 15.69 0.87
N HIS A 252 -11.13 14.58 1.54
CA HIS A 252 -10.90 13.31 0.84
C HIS A 252 -12.14 12.42 0.86
N LYS A 253 -13.24 12.96 1.36
CA LYS A 253 -14.49 12.21 1.46
C LYS A 253 -14.92 11.66 0.11
N LYS A 254 -14.40 12.28 -0.95
CA LYS A 254 -14.77 11.94 -2.32
C LYS A 254 -14.01 10.73 -2.86
N PHE A 255 -13.10 10.19 -2.05
CA PHE A 255 -12.29 9.05 -2.47
C PHE A 255 -12.52 7.80 -1.63
N GLY A 256 -12.40 6.65 -2.28
CA GLY A 256 -12.41 5.37 -1.59
C GLY A 256 -11.18 4.57 -1.94
N PHE A 257 -10.52 3.99 -0.93
CA PHE A 257 -9.33 3.19 -1.15
C PHE A 257 -9.66 1.76 -1.52
N VAL A 258 -9.10 1.27 -2.61
CA VAL A 258 -9.20 -0.13 -2.97
C VAL A 258 -7.84 -0.82 -2.86
N PRO A 259 -7.66 -1.61 -1.79
CA PRO A 259 -6.39 -2.31 -1.54
C PRO A 259 -6.04 -3.26 -2.69
N SER A 260 -4.76 -3.54 -2.85
CA SER A 260 -4.33 -4.57 -3.77
C SER A 260 -5.07 -5.86 -3.45
N THR A 261 -5.79 -6.40 -4.43
CA THR A 261 -6.52 -7.64 -4.20
C THR A 261 -5.58 -8.78 -3.84
N GLN A 262 -4.34 -8.70 -4.32
CA GLN A 262 -3.33 -9.68 -3.97
C GLN A 262 -2.90 -9.57 -2.50
N SER A 263 -2.66 -8.35 -2.05
CA SER A 263 -2.33 -8.11 -0.64
C SER A 263 -3.40 -8.70 0.27
N VAL A 264 -4.66 -8.47 -0.08
CA VAL A 264 -5.77 -8.96 0.72
C VAL A 264 -5.85 -10.48 0.68
N LYS A 265 -5.74 -11.03 -0.53
CA LYS A 265 -5.76 -12.47 -0.73
C LYS A 265 -4.63 -13.14 0.05
N TYR A 266 -3.52 -12.42 0.21
CA TYR A 266 -2.34 -12.95 0.89
C TYR A 266 -2.57 -13.14 2.38
N LEU A 267 -3.52 -12.41 2.94
CA LEU A 267 -3.86 -12.55 4.35
C LEU A 267 -4.39 -13.93 4.66
N ASP A 268 -5.02 -14.56 3.66
CA ASP A 268 -5.53 -15.92 3.82
C ASP A 268 -4.37 -16.89 4.04
N LYS A 269 -3.26 -16.68 3.34
CA LYS A 269 -2.09 -17.54 3.45
C LYS A 269 -1.46 -17.51 4.83
N LEU A 270 -1.30 -16.31 5.37
CA LEU A 270 -0.67 -16.12 6.67
C LEU A 270 -1.44 -16.81 7.79
N ASN A 271 -2.76 -16.83 7.67
CA ASN A 271 -3.62 -17.36 8.72
C ASN A 271 -4.10 -18.78 8.46
N ILE A 272 -4.04 -19.20 7.20
CA ILE A 272 -4.34 -20.59 6.83
C ILE A 272 -3.07 -21.44 6.91
N GLY A 273 -1.93 -20.76 6.97
CA GLY A 273 -0.65 -21.44 7.07
C GLY A 273 -0.02 -21.34 8.44
N THR A 274 -0.85 -21.24 9.47
CA THR A 274 -0.37 -21.19 10.84
C THR A 274 -0.59 -22.54 11.52
N LYS A 275 0.10 -22.78 12.62
CA LYS A 275 -0.02 -24.02 13.37
C LYS A 275 -1.49 -24.39 13.58
#